data_8IX6
#
_entry.id   8IX6
#
_cell.length_a   153.896
_cell.length_b   153.896
_cell.length_c   153.896
_cell.angle_alpha   90.000
_cell.angle_beta   90.000
_cell.angle_gamma   90.000
#
_symmetry.space_group_name_H-M   'I 4 3 2'
#
loop_
_entity.id
_entity.type
_entity.pdbx_description
1 polymer Aldolase
2 non-polymer 'NICKEL (II) ION'
3 non-polymer 'SULFATE ION'
4 water water
#
_entity_poly.entity_id   1
_entity_poly.type   'polypeptide(L)'
_entity_poly.pdbx_seq_one_letter_code
;MKAELRAKEYFDDRATREMAEHLKGAKRSYKETLAYACRILAMTGQEAGLAGQISFRSERPNAYWTLRFGLGFDEATPDD
FIEVDRDLNTLTGEGMANPATRFHLWVYDARPDVKSLIHTHSPWASALAAARQPLVIAQMDMTPLHDDCAFLGEWPGVPI
ADQEGVLISEALGRKRAIILAHHGYLTAGVSIEEATYLSVYLERAARMQIRAQAFGPLTPVDDALAKEAHDYLLKPSIVG
ATFDYWCRQTHSAGPAAKHHHHHH
;
_entity_poly.pdbx_strand_id   A
#
loop_
_chem_comp.id
_chem_comp.type
_chem_comp.name
_chem_comp.formula
NI non-polymer 'NICKEL (II) ION' 'Ni 2'
SO4 non-polymer 'SULFATE ION' 'O4 S -2'
#
# COMPACT_ATOMS: atom_id res chain seq x y z
N ARG A 28 -5.74 20.96 2.88
CA ARG A 28 -5.08 19.94 3.70
C ARG A 28 -3.64 19.73 3.25
N SER A 29 -2.70 19.94 4.16
CA SER A 29 -1.29 19.77 3.86
C SER A 29 -0.94 18.28 3.81
N TYR A 30 0.20 17.98 3.17
CA TYR A 30 0.59 16.59 3.00
C TYR A 30 0.95 15.93 4.33
N LYS A 31 1.32 16.70 5.35
CA LYS A 31 1.70 16.12 6.63
C LYS A 31 0.48 15.61 7.38
N GLU A 32 -0.63 16.34 7.31
CA GLU A 32 -1.88 15.88 7.92
C GLU A 32 -2.59 14.84 7.06
N THR A 33 -2.37 14.86 5.75
CA THR A 33 -2.89 13.78 4.90
C THR A 33 -2.17 12.47 5.19
N LEU A 34 -0.86 12.53 5.45
CA LEU A 34 -0.13 11.34 5.83
C LEU A 34 -0.62 10.81 7.17
N ALA A 35 -0.82 11.70 8.14
CA ALA A 35 -1.30 11.27 9.46
C ALA A 35 -2.72 10.71 9.37
N TYR A 36 -3.56 11.31 8.52
CA TYR A 36 -4.91 10.80 8.36
C TYR A 36 -4.90 9.40 7.74
N ALA A 37 -4.03 9.18 6.75
CA ALA A 37 -3.94 7.87 6.13
C ALA A 37 -3.58 6.79 7.14
N CYS A 38 -2.68 7.10 8.07
CA CYS A 38 -2.30 6.13 9.09
C CYS A 38 -3.48 5.79 9.98
N ARG A 39 -4.28 6.80 10.35
CA ARG A 39 -5.45 6.54 11.18
C ARG A 39 -6.48 5.72 10.43
N ILE A 40 -6.66 5.98 9.12
CA ILE A 40 -7.59 5.20 8.32
C ILE A 40 -7.11 3.76 8.22
N LEU A 41 -5.80 3.55 8.08
CA LEU A 41 -5.27 2.19 7.98
C LEU A 41 -5.52 1.42 9.28
N ALA A 42 -5.32 2.06 10.42
CA ALA A 42 -5.58 1.40 11.70
C ALA A 42 -7.07 1.27 11.95
N MET A 43 -7.86 2.26 11.51
CA MET A 43 -9.31 2.17 11.66
C MET A 43 -9.86 0.94 10.94
N THR A 44 -9.32 0.64 9.76
CA THR A 44 -9.73 -0.52 8.98
C THR A 44 -8.94 -1.78 9.33
N GLY A 45 -8.17 -1.75 10.42
CA GLY A 45 -7.45 -2.93 10.88
C GLY A 45 -6.34 -3.38 9.96
N GLN A 46 -5.33 -2.53 9.76
CA GLN A 46 -4.21 -2.82 8.87
C GLN A 46 -2.87 -2.68 9.57
N GLU A 47 -2.82 -2.95 10.88
CA GLU A 47 -1.59 -2.84 11.65
C GLU A 47 -1.31 -4.17 12.34
N ALA A 48 -0.05 -4.63 12.24
CA ALA A 48 0.41 -5.87 12.88
C ALA A 48 1.75 -5.54 13.53
N GLY A 49 1.70 -4.91 14.70
CA GLY A 49 2.89 -4.42 15.35
C GLY A 49 3.40 -3.15 14.70
N LEU A 50 4.71 -3.02 14.55
CA LEU A 50 5.31 -1.87 13.89
C LEU A 50 5.72 -2.19 12.45
N ALA A 51 5.11 -3.21 11.84
CA ALA A 51 5.42 -3.55 10.46
C ALA A 51 4.86 -2.55 9.48
N GLY A 52 3.80 -1.81 9.86
CA GLY A 52 3.19 -0.85 8.98
C GLY A 52 4.13 0.25 8.53
N GLN A 53 4.21 0.48 7.22
CA GLN A 53 5.07 1.51 6.64
C GLN A 53 4.27 2.35 5.66
N ILE A 54 4.50 3.66 5.70
CA ILE A 54 3.90 4.60 4.76
C ILE A 54 4.96 5.63 4.39
N SER A 55 4.98 6.03 3.13
CA SER A 55 5.92 7.03 2.67
C SER A 55 5.25 7.95 1.66
N PHE A 56 5.83 9.15 1.53
CA PHE A 56 5.37 10.14 0.57
C PHE A 56 6.59 10.75 -0.10
N ARG A 57 6.59 10.75 -1.44
CA ARG A 57 7.74 11.25 -2.18
C ARG A 57 8.02 12.71 -1.83
N SER A 58 9.27 13.00 -1.49
CA SER A 58 9.67 14.35 -1.16
C SER A 58 9.96 15.14 -2.43
N GLU A 59 9.86 16.47 -2.32
CA GLU A 59 10.23 17.34 -3.42
C GLU A 59 11.71 17.18 -3.76
N ARG A 60 12.54 17.01 -2.75
CA ARG A 60 13.96 16.79 -3.00
C ARG A 60 14.18 15.37 -3.53
N PRO A 61 14.97 15.20 -4.58
CA PRO A 61 15.25 13.85 -5.08
C PRO A 61 16.00 13.02 -4.05
N ASN A 62 15.87 11.69 -4.20
CA ASN A 62 16.50 10.73 -3.30
C ASN A 62 16.15 10.99 -1.85
N ALA A 63 14.88 11.34 -1.61
CA ALA A 63 14.37 11.58 -0.28
C ALA A 63 12.90 11.25 -0.24
N TYR A 64 12.42 10.83 0.95
CA TYR A 64 11.02 10.51 1.11
C TYR A 64 10.57 10.83 2.53
N TRP A 65 9.28 11.14 2.66
CA TRP A 65 8.67 11.43 3.95
C TRP A 65 8.02 10.16 4.49
N THR A 66 8.36 9.79 5.72
CA THR A 66 7.84 8.56 6.30
C THR A 66 7.63 8.74 7.79
N LEU A 67 7.01 7.73 8.40
CA LEU A 67 6.74 7.74 9.84
C LEU A 67 7.98 7.31 10.61
N ARG A 68 8.25 7.99 11.72
CA ARG A 68 9.44 7.69 12.50
C ARG A 68 9.30 6.36 13.22
N PHE A 69 10.45 5.77 13.56
CA PHE A 69 10.49 4.45 14.16
C PHE A 69 9.76 4.42 15.49
N GLY A 70 9.15 3.26 15.78
CA GLY A 70 8.52 3.01 17.06
C GLY A 70 7.07 3.45 17.17
N LEU A 71 6.54 4.13 16.16
CA LEU A 71 5.18 4.65 16.21
C LEU A 71 4.25 3.79 15.38
N GLY A 72 3.04 3.54 15.92
CA GLY A 72 2.02 2.82 15.20
C GLY A 72 1.15 3.73 14.36
N PHE A 73 0.29 3.11 13.56
CA PHE A 73 -0.49 3.87 12.58
C PHE A 73 -1.47 4.82 13.25
N ASP A 74 -2.22 4.34 14.24
CA ASP A 74 -3.28 5.15 14.83
C ASP A 74 -2.78 6.20 15.82
N GLU A 75 -1.48 6.24 16.13
CA GLU A 75 -0.92 7.30 16.95
C GLU A 75 -0.08 8.27 16.14
N ALA A 76 -0.29 8.31 14.82
CA ALA A 76 0.47 9.18 13.95
C ALA A 76 -0.14 10.58 13.94
N THR A 77 0.70 11.59 14.14
CA THR A 77 0.35 12.99 14.04
C THR A 77 1.13 13.62 12.90
N PRO A 78 0.68 14.77 12.38
CA PRO A 78 1.46 15.44 11.32
C PRO A 78 2.90 15.69 11.69
N ASP A 79 3.20 15.89 12.97
CA ASP A 79 4.55 16.15 13.43
C ASP A 79 5.37 14.89 13.65
N ASP A 80 4.88 13.73 13.20
CA ASP A 80 5.58 12.47 13.36
C ASP A 80 6.19 11.96 12.07
N PHE A 81 5.97 12.65 10.95
CA PHE A 81 6.53 12.26 9.67
C PHE A 81 7.76 13.10 9.37
N ILE A 82 8.87 12.43 9.05
CA ILE A 82 10.16 13.08 8.87
C ILE A 82 10.70 12.76 7.49
N GLU A 83 11.52 13.66 6.96
CA GLU A 83 12.16 13.49 5.67
C GLU A 83 13.53 12.88 5.85
N VAL A 84 13.82 11.80 5.11
CA VAL A 84 15.10 11.13 5.16
C VAL A 84 15.57 10.88 3.73
N ASP A 85 16.88 10.66 3.58
CA ASP A 85 17.50 10.47 2.29
C ASP A 85 17.82 8.99 2.06
N ARG A 86 18.72 8.73 1.10
CA ARG A 86 19.07 7.35 0.75
C ARG A 86 19.80 6.63 1.88
N ASP A 87 20.37 7.38 2.83
CA ASP A 87 21.11 6.79 3.94
C ASP A 87 20.36 6.95 5.27
N LEU A 88 19.05 7.19 5.21
CA LEU A 88 18.20 7.33 6.39
C LEU A 88 18.69 8.43 7.33
N ASN A 89 19.29 9.49 6.76
CA ASN A 89 19.65 10.67 7.53
C ASN A 89 18.43 11.57 7.62
N THR A 90 17.84 11.69 8.80
CA THR A 90 16.68 12.54 9.00
C THR A 90 17.04 14.00 8.72
N LEU A 91 16.72 14.47 7.51
CA LEU A 91 17.08 15.81 7.08
C LEU A 91 15.99 16.83 7.36
N THR A 92 14.92 16.43 8.05
CA THR A 92 13.89 17.36 8.50
C THR A 92 13.16 16.75 9.69
N GLY A 93 13.10 17.48 10.79
CA GLY A 93 12.42 17.01 11.98
C GLY A 93 13.30 16.15 12.87
N MET A 96 14.78 10.04 13.40
CA MET A 96 15.07 8.64 13.08
C MET A 96 13.84 7.95 12.51
N ALA A 97 13.95 7.50 11.27
CA ALA A 97 12.85 6.86 10.56
C ALA A 97 12.97 5.34 10.66
N ASN A 98 11.85 4.66 10.40
CA ASN A 98 11.81 3.21 10.33
C ASN A 98 12.76 2.75 9.24
N PRO A 99 13.88 2.12 9.60
CA PRO A 99 14.89 1.77 8.58
C PRO A 99 14.42 0.72 7.59
N ALA A 100 13.36 -0.02 7.91
CA ALA A 100 12.82 -0.98 6.95
C ALA A 100 12.08 -0.29 5.81
N THR A 101 11.93 1.03 5.85
CA THR A 101 11.35 1.79 4.76
C THR A 101 12.40 2.33 3.79
N ARG A 102 13.67 1.95 3.97
CA ARG A 102 14.72 2.46 3.10
C ARG A 102 14.53 1.98 1.66
N PHE A 103 13.92 0.81 1.47
CA PHE A 103 13.70 0.28 0.13
C PHE A 103 12.65 1.07 -0.64
N HIS A 104 11.91 1.97 0.01
CA HIS A 104 10.89 2.75 -0.68
C HIS A 104 11.49 3.62 -1.78
N LEU A 105 12.73 4.05 -1.60
CA LEU A 105 13.36 4.91 -2.62
C LEU A 105 13.60 4.16 -3.92
N TRP A 106 13.79 2.84 -3.85
CA TRP A 106 14.05 2.06 -5.05
C TRP A 106 12.82 2.04 -5.96
N VAL A 107 11.64 1.76 -5.40
CA VAL A 107 10.43 1.73 -6.20
C VAL A 107 10.02 3.14 -6.62
N TYR A 108 10.27 4.15 -5.78
CA TYR A 108 10.09 5.53 -6.21
C TYR A 108 10.95 5.83 -7.43
N ASP A 109 12.17 5.31 -7.46
CA ASP A 109 13.04 5.52 -8.61
C ASP A 109 12.47 4.89 -9.87
N ALA A 110 11.86 3.72 -9.75
CA ALA A 110 11.37 2.99 -10.92
C ALA A 110 10.03 3.51 -11.42
N ARG A 111 9.30 4.29 -10.61
CA ARG A 111 7.97 4.75 -10.97
C ARG A 111 7.82 6.23 -10.60
N PRO A 112 8.18 7.13 -11.52
CA PRO A 112 8.02 8.56 -11.23
C PRO A 112 6.58 9.00 -11.05
N ASP A 113 5.61 8.23 -11.55
CA ASP A 113 4.21 8.59 -11.39
C ASP A 113 3.70 8.36 -9.97
N VAL A 114 4.44 7.60 -9.17
CA VAL A 114 4.01 7.24 -7.82
C VAL A 114 4.57 8.26 -6.83
N LYS A 115 3.70 8.77 -5.97
CA LYS A 115 4.09 9.72 -4.94
C LYS A 115 3.94 9.19 -3.53
N SER A 116 3.22 8.08 -3.33
CA SER A 116 3.00 7.53 -2.01
C SER A 116 3.03 6.02 -2.07
N LEU A 117 3.48 5.41 -0.97
CA LEU A 117 3.59 3.96 -0.86
C LEU A 117 3.13 3.52 0.52
N ILE A 118 2.46 2.37 0.57
CA ILE A 118 2.01 1.77 1.81
C ILE A 118 2.38 0.30 1.79
N HIS A 119 2.96 -0.20 2.88
CA HIS A 119 3.27 -1.61 3.04
C HIS A 119 2.92 -2.03 4.45
N THR A 120 1.94 -2.93 4.59
CA THR A 120 1.53 -3.44 5.88
C THR A 120 1.40 -4.95 5.82
N HIS A 121 1.36 -5.57 7.00
CA HIS A 121 1.07 -7.00 7.10
C HIS A 121 -0.34 -7.20 7.63
N SER A 122 -1.32 -6.64 6.93
CA SER A 122 -2.70 -6.72 7.37
C SER A 122 -3.17 -8.17 7.43
N PRO A 123 -4.14 -8.48 8.30
CA PRO A 123 -4.45 -9.91 8.56
C PRO A 123 -4.90 -10.69 7.34
N TRP A 124 -5.90 -10.19 6.60
CA TRP A 124 -6.44 -10.96 5.50
C TRP A 124 -5.48 -11.02 4.32
N ALA A 125 -4.81 -9.90 4.03
CA ALA A 125 -3.83 -9.90 2.93
C ALA A 125 -2.63 -10.77 3.24
N SER A 126 -2.22 -10.84 4.50
CA SER A 126 -1.10 -11.70 4.86
C SER A 126 -1.48 -13.17 4.79
N ALA A 127 -2.74 -13.50 5.12
CA ALA A 127 -3.19 -14.88 4.97
C ALA A 127 -3.19 -15.30 3.50
N LEU A 128 -3.66 -14.41 2.62
CA LEU A 128 -3.58 -14.68 1.19
C LEU A 128 -2.14 -14.85 0.74
N ALA A 129 -1.23 -14.01 1.26
CA ALA A 129 0.17 -14.10 0.89
C ALA A 129 0.81 -15.37 1.46
N ALA A 130 0.40 -15.76 2.67
CA ALA A 130 0.95 -16.98 3.26
C ALA A 130 0.58 -18.22 2.46
N ALA A 131 -0.59 -18.22 1.84
CA ALA A 131 -1.03 -19.33 1.00
C ALA A 131 -0.59 -19.19 -0.45
N ARG A 132 0.25 -18.20 -0.75
CA ARG A 132 0.76 -17.97 -2.11
C ARG A 132 -0.39 -17.79 -3.10
N GLN A 133 -1.38 -17.01 -2.70
CA GLN A 133 -2.60 -16.86 -3.49
C GLN A 133 -2.69 -15.47 -4.09
N PRO A 134 -2.64 -15.33 -5.41
CA PRO A 134 -2.91 -14.03 -6.03
C PRO A 134 -4.38 -13.67 -5.93
N LEU A 135 -4.66 -12.38 -6.09
CA LEU A 135 -6.04 -11.90 -6.05
C LEU A 135 -6.80 -12.38 -7.28
N VAL A 136 -8.04 -12.83 -7.07
CA VAL A 136 -8.94 -13.22 -8.14
C VAL A 136 -10.11 -12.24 -8.11
N ILE A 137 -10.20 -11.39 -9.13
CA ILE A 137 -11.22 -10.35 -9.18
C ILE A 137 -12.58 -10.98 -9.43
N ALA A 138 -13.41 -11.03 -8.39
CA ALA A 138 -14.72 -11.68 -8.49
C ALA A 138 -15.86 -10.82 -7.96
N GLN A 139 -15.58 -9.58 -7.55
CA GLN A 139 -16.63 -8.71 -7.04
C GLN A 139 -16.27 -7.26 -7.38
N MET A 140 -17.29 -6.41 -7.40
CA MET A 140 -17.15 -5.05 -7.91
C MET A 140 -16.06 -4.28 -7.17
N ASP A 141 -16.06 -4.35 -5.84
CA ASP A 141 -15.08 -3.61 -5.06
C ASP A 141 -13.66 -4.16 -5.20
N MET A 142 -13.49 -5.28 -5.91
CA MET A 142 -12.17 -5.82 -6.17
C MET A 142 -11.56 -5.29 -7.47
N THR A 143 -12.37 -4.64 -8.31
CA THR A 143 -11.89 -4.21 -9.62
C THR A 143 -10.77 -3.16 -9.59
N PRO A 144 -10.65 -2.28 -8.57
CA PRO A 144 -9.50 -1.34 -8.56
C PRO A 144 -8.15 -2.03 -8.70
N LEU A 145 -8.10 -3.33 -8.42
CA LEU A 145 -6.86 -4.10 -8.51
C LEU A 145 -6.85 -5.05 -9.70
N HIS A 146 -7.88 -5.01 -10.56
CA HIS A 146 -7.90 -5.84 -11.75
C HIS A 146 -6.80 -5.40 -12.71
N ASP A 147 -5.94 -6.34 -13.09
CA ASP A 147 -4.77 -6.05 -13.93
C ASP A 147 -3.91 -4.95 -13.30
N ASP A 148 -3.97 -4.83 -11.97
CA ASP A 148 -3.25 -3.79 -11.24
C ASP A 148 -2.68 -4.29 -9.93
N CYS A 149 -2.61 -5.60 -9.74
CA CYS A 149 -2.04 -6.20 -8.53
C CYS A 149 -1.11 -7.34 -8.98
N ALA A 150 0.19 -7.08 -8.94
CA ALA A 150 1.17 -8.09 -9.27
C ALA A 150 1.31 -9.09 -8.13
N PHE A 151 2.14 -10.11 -8.34
CA PHE A 151 2.39 -11.15 -7.34
C PHE A 151 3.85 -11.52 -7.38
N LEU A 152 4.54 -11.35 -6.25
CA LEU A 152 5.94 -11.73 -6.12
C LEU A 152 6.01 -13.05 -5.37
N GLY A 153 6.25 -14.13 -6.10
CA GLY A 153 6.26 -15.45 -5.48
C GLY A 153 7.42 -15.68 -4.54
N GLU A 154 8.51 -14.96 -4.74
CA GLU A 154 9.70 -15.15 -3.92
C GLU A 154 9.62 -14.34 -2.64
N TRP A 155 9.80 -15.01 -1.50
CA TRP A 155 9.94 -14.32 -0.23
C TRP A 155 11.41 -14.27 0.12
N PRO A 156 12.06 -13.10 0.08
CA PRO A 156 13.52 -13.04 0.25
C PRO A 156 14.00 -13.06 1.69
N GLY A 157 13.13 -13.24 2.67
CA GLY A 157 13.54 -13.24 4.06
C GLY A 157 13.70 -11.84 4.61
N VAL A 158 14.88 -11.52 5.13
CA VAL A 158 15.18 -10.17 5.61
C VAL A 158 16.31 -9.60 4.77
N PRO A 159 16.03 -9.17 3.54
CA PRO A 159 17.10 -8.65 2.69
C PRO A 159 17.45 -7.21 3.02
N ILE A 160 18.60 -6.78 2.50
CA ILE A 160 19.00 -5.38 2.60
C ILE A 160 18.04 -4.55 1.76
N ALA A 161 18.07 -3.22 1.95
CA ALA A 161 17.17 -2.36 1.20
C ALA A 161 17.41 -2.46 -0.30
N ASP A 162 18.64 -2.79 -0.70
CA ASP A 162 18.94 -2.93 -2.13
C ASP A 162 18.19 -4.11 -2.73
N GLN A 163 18.38 -5.30 -2.16
CA GLN A 163 17.74 -6.50 -2.70
C GLN A 163 16.22 -6.41 -2.62
N GLU A 164 15.70 -5.96 -1.47
CA GLU A 164 14.26 -5.84 -1.31
C GLU A 164 13.69 -4.77 -2.24
N GLY A 165 14.40 -3.65 -2.40
CA GLY A 165 13.93 -2.60 -3.27
C GLY A 165 13.92 -2.99 -4.73
N VAL A 166 14.98 -3.68 -5.18
CA VAL A 166 15.06 -4.11 -6.57
C VAL A 166 14.02 -5.19 -6.86
N LEU A 167 13.86 -6.14 -5.93
CA LEU A 167 12.93 -7.25 -6.15
C LEU A 167 11.50 -6.75 -6.31
N ILE A 168 11.09 -5.81 -5.46
CA ILE A 168 9.70 -5.34 -5.51
C ILE A 168 9.49 -4.44 -6.72
N SER A 169 10.47 -3.61 -7.06
CA SER A 169 10.32 -2.71 -8.19
C SER A 169 10.13 -3.48 -9.49
N GLU A 170 10.96 -4.51 -9.72
CA GLU A 170 10.84 -5.29 -10.94
C GLU A 170 9.52 -6.05 -10.98
N ALA A 171 9.06 -6.56 -9.83
CA ALA A 171 7.82 -7.32 -9.79
C ALA A 171 6.60 -6.42 -9.81
N LEU A 172 6.69 -5.22 -9.22
CA LEU A 172 5.55 -4.30 -9.24
C LEU A 172 5.24 -3.84 -10.66
N GLY A 173 6.27 -3.50 -11.42
CA GLY A 173 6.04 -3.01 -12.77
C GLY A 173 5.25 -1.72 -12.76
N ARG A 174 4.27 -1.63 -13.65
CA ARG A 174 3.40 -0.47 -13.73
C ARG A 174 2.16 -0.60 -12.86
N LYS A 175 2.03 -1.69 -12.10
CA LYS A 175 0.80 -1.95 -11.35
C LYS A 175 0.73 -1.08 -10.09
N ARG A 176 -0.49 -0.91 -9.60
CA ARG A 176 -0.76 -0.09 -8.43
C ARG A 176 -0.57 -0.82 -7.11
N ALA A 177 -0.40 -2.14 -7.13
CA ALA A 177 -0.26 -2.91 -5.91
C ALA A 177 0.43 -4.22 -6.23
N ILE A 178 0.94 -4.87 -5.19
CA ILE A 178 1.61 -6.16 -5.33
C ILE A 178 1.41 -6.95 -4.05
N ILE A 179 1.07 -8.23 -4.21
CA ILE A 179 1.02 -9.15 -3.07
C ILE A 179 2.39 -9.80 -2.94
N LEU A 180 2.97 -9.67 -1.76
CA LEU A 180 4.29 -10.23 -1.47
C LEU A 180 4.09 -11.55 -0.74
N ALA A 181 4.38 -12.66 -1.42
CA ALA A 181 4.14 -13.98 -0.85
C ALA A 181 4.86 -14.15 0.48
N HIS A 182 4.18 -14.81 1.43
CA HIS A 182 4.68 -15.05 2.77
C HIS A 182 5.02 -13.75 3.51
N HIS A 183 4.39 -12.64 3.14
CA HIS A 183 4.78 -11.35 3.68
C HIS A 183 3.57 -10.45 3.90
N GLY A 184 3.12 -9.81 2.81
CA GLY A 184 1.98 -8.92 2.88
C GLY A 184 1.68 -8.30 1.53
N TYR A 185 1.52 -6.99 1.49
CA TYR A 185 1.25 -6.29 0.24
C TYR A 185 1.96 -4.95 0.24
N LEU A 186 1.90 -4.28 -0.90
CA LEU A 186 2.38 -2.91 -1.05
C LEU A 186 1.52 -2.23 -2.11
N THR A 187 1.17 -0.97 -1.86
CA THR A 187 0.38 -0.19 -2.80
C THR A 187 1.21 1.00 -3.27
N ALA A 188 1.11 1.30 -4.57
CA ALA A 188 1.83 2.41 -5.18
C ALA A 188 0.80 3.36 -5.79
N GLY A 189 0.53 4.46 -5.10
CA GLY A 189 -0.46 5.43 -5.52
C GLY A 189 0.17 6.73 -5.98
N VAL A 190 -0.51 7.41 -6.91
CA VAL A 190 -0.07 8.74 -7.35
C VAL A 190 -0.36 9.82 -6.31
N SER A 191 -0.95 9.45 -5.19
CA SER A 191 -1.15 10.36 -4.06
C SER A 191 -1.30 9.52 -2.81
N ILE A 192 -1.21 10.18 -1.65
CA ILE A 192 -1.47 9.48 -0.39
C ILE A 192 -2.89 8.94 -0.38
N GLU A 193 -3.83 9.69 -0.98
CA GLU A 193 -5.22 9.27 -0.99
C GLU A 193 -5.41 7.99 -1.80
N GLU A 194 -4.78 7.90 -2.97
CA GLU A 194 -4.95 6.70 -3.79
C GLU A 194 -4.24 5.50 -3.19
N ALA A 195 -3.09 5.72 -2.54
CA ALA A 195 -2.40 4.62 -1.88
C ALA A 195 -3.23 4.08 -0.72
N THR A 196 -3.84 4.97 0.06
CA THR A 196 -4.74 4.54 1.13
C THR A 196 -5.96 3.84 0.55
N TYR A 197 -6.54 4.43 -0.50
CA TYR A 197 -7.69 3.84 -1.17
C TYR A 197 -7.41 2.41 -1.60
N LEU A 198 -6.33 2.21 -2.37
CA LEU A 198 -5.95 0.88 -2.83
C LEU A 198 -5.65 -0.04 -1.66
N SER A 199 -5.05 0.51 -0.60
CA SER A 199 -4.70 -0.31 0.56
C SER A 199 -5.93 -0.88 1.24
N VAL A 200 -6.95 -0.03 1.47
CA VAL A 200 -8.16 -0.49 2.13
C VAL A 200 -8.90 -1.48 1.26
N TYR A 201 -8.96 -1.24 -0.05
CA TYR A 201 -9.72 -2.11 -0.93
C TYR A 201 -9.02 -3.45 -1.14
N LEU A 202 -7.68 -3.47 -1.14
CA LEU A 202 -6.96 -4.73 -1.28
C LEU A 202 -7.23 -5.64 -0.10
N GLU A 203 -7.13 -5.10 1.12
CA GLU A 203 -7.35 -5.91 2.32
C GLU A 203 -8.76 -6.48 2.37
N ARG A 204 -9.76 -5.67 1.98
CA ARG A 204 -11.13 -6.17 1.97
C ARG A 204 -11.36 -7.07 0.75
N ALA A 205 -10.59 -6.89 -0.31
CA ALA A 205 -10.61 -7.85 -1.41
C ALA A 205 -10.07 -9.20 -0.95
N ALA A 206 -9.01 -9.20 -0.13
CA ALA A 206 -8.45 -10.45 0.37
C ALA A 206 -9.43 -11.15 1.30
N ARG A 207 -10.05 -10.39 2.20
CA ARG A 207 -11.08 -10.96 3.08
C ARG A 207 -12.22 -11.55 2.27
N MET A 208 -12.68 -10.83 1.25
CA MET A 208 -13.78 -11.30 0.43
C MET A 208 -13.40 -12.59 -0.30
N GLN A 209 -12.20 -12.63 -0.88
CA GLN A 209 -11.75 -13.80 -1.61
C GLN A 209 -11.61 -15.01 -0.69
N ILE A 210 -11.05 -14.81 0.51
CA ILE A 210 -10.84 -15.91 1.43
C ILE A 210 -12.17 -16.49 1.89
N ARG A 211 -13.14 -15.62 2.21
CA ARG A 211 -14.45 -16.11 2.64
C ARG A 211 -15.18 -16.81 1.51
N ALA A 212 -15.13 -16.25 0.30
CA ALA A 212 -15.78 -16.87 -0.84
C ALA A 212 -15.15 -18.21 -1.20
N GLN A 213 -13.91 -18.46 -0.78
CA GLN A 213 -13.26 -19.73 -1.08
C GLN A 213 -13.98 -20.92 -0.46
N ALA A 214 -14.80 -20.69 0.56
CA ALA A 214 -15.51 -21.79 1.22
C ALA A 214 -16.36 -22.58 0.24
N PHE A 215 -16.83 -21.95 -0.83
CA PHE A 215 -17.65 -22.61 -1.84
C PHE A 215 -16.82 -23.22 -2.97
N GLY A 216 -15.50 -23.29 -2.81
CA GLY A 216 -14.64 -23.84 -3.83
C GLY A 216 -13.94 -22.74 -4.62
N PRO A 217 -13.30 -23.13 -5.72
CA PRO A 217 -12.55 -22.16 -6.52
C PRO A 217 -13.45 -21.01 -7.00
N LEU A 218 -12.84 -19.84 -7.12
CA LEU A 218 -13.56 -18.60 -7.41
C LEU A 218 -13.47 -18.29 -8.90
N THR A 219 -14.63 -18.06 -9.54
CA THR A 219 -14.67 -17.69 -10.94
C THR A 219 -14.55 -16.18 -11.07
N PRO A 220 -13.55 -15.66 -11.79
CA PRO A 220 -13.40 -14.21 -11.90
C PRO A 220 -14.39 -13.61 -12.88
N VAL A 221 -14.60 -12.30 -12.74
CA VAL A 221 -15.51 -11.60 -13.62
C VAL A 221 -14.85 -11.38 -14.98
N ASP A 222 -15.66 -10.99 -15.95
CA ASP A 222 -15.15 -10.71 -17.28
C ASP A 222 -14.17 -9.54 -17.24
N ASP A 223 -13.08 -9.67 -18.00
CA ASP A 223 -12.01 -8.68 -17.92
C ASP A 223 -12.44 -7.32 -18.47
N ALA A 224 -13.30 -7.30 -19.50
CA ALA A 224 -13.70 -6.02 -20.09
C ALA A 224 -14.50 -5.19 -19.11
N LEU A 225 -15.48 -5.80 -18.44
CA LEU A 225 -16.24 -5.07 -17.44
C LEU A 225 -15.38 -4.75 -16.22
N ALA A 226 -14.45 -5.66 -15.87
CA ALA A 226 -13.59 -5.44 -14.73
C ALA A 226 -12.73 -4.20 -14.93
N LYS A 227 -12.11 -4.06 -16.10
CA LYS A 227 -11.35 -2.87 -16.41
C LYS A 227 -12.24 -1.63 -16.40
N GLU A 228 -13.48 -1.78 -16.89
CA GLU A 228 -14.42 -0.67 -16.87
C GLU A 228 -14.75 -0.26 -15.44
N ALA A 229 -15.04 -1.23 -14.58
CA ALA A 229 -15.26 -0.92 -13.18
C ALA A 229 -13.98 -0.46 -12.49
N HIS A 230 -12.83 -1.00 -12.92
CA HIS A 230 -11.55 -0.54 -12.41
C HIS A 230 -11.36 0.95 -12.66
N ASP A 231 -11.74 1.43 -13.85
CA ASP A 231 -11.56 2.83 -14.18
C ASP A 231 -12.56 3.73 -13.46
N TYR A 232 -13.77 3.23 -13.22
CA TYR A 232 -14.78 4.04 -12.53
C TYR A 232 -14.46 4.20 -11.05
N LEU A 233 -13.99 3.13 -10.41
CA LEU A 233 -13.74 3.15 -8.97
C LEU A 233 -12.45 3.89 -8.62
N LEU A 234 -11.54 4.06 -9.57
CA LEU A 234 -10.30 4.78 -9.34
C LEU A 234 -10.36 6.24 -9.82
N LYS A 235 -11.56 6.74 -10.09
CA LYS A 235 -11.71 8.14 -10.48
C LYS A 235 -11.25 9.03 -9.33
N PRO A 236 -10.50 10.10 -9.62
CA PRO A 236 -10.03 10.98 -8.53
C PRO A 236 -11.14 11.57 -7.68
N SER A 237 -12.31 11.84 -8.27
CA SER A 237 -13.41 12.37 -7.49
C SER A 237 -13.97 11.33 -6.51
N ILE A 238 -14.03 10.07 -6.95
CA ILE A 238 -14.49 9.01 -6.07
C ILE A 238 -13.43 8.68 -5.03
N VAL A 239 -12.15 8.65 -5.46
CA VAL A 239 -11.07 8.38 -4.52
C VAL A 239 -10.96 9.49 -3.49
N GLY A 240 -11.08 10.75 -3.92
CA GLY A 240 -10.98 11.86 -2.99
C GLY A 240 -12.13 11.92 -2.01
N ALA A 241 -13.35 11.68 -2.48
CA ALA A 241 -14.50 11.72 -1.60
C ALA A 241 -14.47 10.58 -0.59
N THR A 242 -14.07 9.39 -1.02
CA THR A 242 -13.99 8.25 -0.10
C THR A 242 -12.93 8.48 0.97
N PHE A 243 -11.81 9.08 0.59
CA PHE A 243 -10.77 9.40 1.57
C PHE A 243 -11.27 10.42 2.58
N ASP A 244 -11.97 11.46 2.10
CA ASP A 244 -12.55 12.45 3.00
C ASP A 244 -13.51 11.80 3.99
N TYR A 245 -14.35 10.87 3.51
CA TYR A 245 -15.26 10.15 4.38
C TYR A 245 -14.53 9.39 5.46
N TRP A 246 -13.42 8.74 5.09
CA TRP A 246 -12.63 7.99 6.07
C TRP A 246 -11.99 8.93 7.09
N CYS A 247 -11.56 10.11 6.65
CA CYS A 247 -10.96 11.08 7.58
C CYS A 247 -11.95 11.49 8.66
N ARG A 248 -13.17 11.85 8.25
CA ARG A 248 -14.21 12.24 9.20
C ARG A 248 -14.57 11.13 10.16
N GLN A 249 -14.11 9.90 9.92
CA GLN A 249 -14.43 8.77 10.77
C GLN A 249 -13.41 8.56 11.87
N THR A 250 -12.20 9.10 11.72
CA THR A 250 -11.14 8.92 12.69
C THR A 250 -11.36 9.79 13.92
NI NI B . 7.15 -6.15 5.81
S SO4 C . -4.62 3.21 -15.82
O1 SO4 C . -5.01 1.85 -15.48
O2 SO4 C . -4.67 3.38 -17.26
O3 SO4 C . -3.26 3.45 -15.34
O4 SO4 C . -5.52 4.15 -15.18
S SO4 D . -12.79 12.83 -12.12
O1 SO4 D . -12.21 11.92 -13.10
O2 SO4 D . -14.24 12.84 -12.27
O3 SO4 D . -12.44 12.37 -10.79
O4 SO4 D . -12.23 14.17 -12.33
S SO4 E . -16.21 2.09 5.87
O1 SO4 E . -15.74 0.74 6.18
O2 SO4 E . -15.60 2.53 4.62
O3 SO4 E . -15.83 3.00 6.95
O4 SO4 E . -17.66 2.08 5.74
#